data_3WHB
#
_entry.id   3WHB
#
_cell.length_a   56.167
_cell.length_b   66.105
_cell.length_c   99.029
_cell.angle_alpha   90.000
_cell.angle_beta   90.000
_cell.angle_gamma   90.000
#
_symmetry.space_group_name_H-M   'P 21 21 21'
#
loop_
_entity.id
_entity.type
_entity.pdbx_description
1 polymer 'Fatty acid metabolism regulator protein'
2 non-polymer DODECYL-COA
3 water water
#
_entity_poly.entity_id   1
_entity_poly.type   'polypeptide(L)'
_entity_poly.pdbx_seq_one_letter_code
;MKQKRPKYMQIIDAAVEVIAENGYHQSQVSKIAKQAGVADGTIYLYFKNKEDILISLFKEKMGQFIERMEEDIKEKATAK
EKLALVISKHFSLLAGDHNLAIVTQLELRQSNLELRQKINEILKGYLNILDGILTEGIQSGEIKEGLDVRLARQMIFGTI
DETVTTWVMNDQKYDLVALSNSVLELLVSGIHNK
;
_entity_poly.pdbx_strand_id   A,B
#
# COMPACT_ATOMS: atom_id res chain seq x y z
N ARG A 5 28.39 11.38 5.10
CA ARG A 5 28.87 11.66 6.49
C ARG A 5 28.69 10.40 7.36
N PRO A 6 29.77 9.96 8.03
CA PRO A 6 29.78 8.68 8.76
C PRO A 6 28.81 8.58 9.94
N LYS A 7 28.78 9.60 10.79
CA LYS A 7 27.90 9.61 11.96
C LYS A 7 26.44 9.73 11.53
N TYR A 8 26.19 10.51 10.48
CA TYR A 8 24.88 10.64 9.87
C TYR A 8 24.33 9.27 9.46
N MET A 9 25.16 8.49 8.74
CA MET A 9 24.77 7.17 8.25
C MET A 9 24.57 6.14 9.35
N GLN A 10 25.43 6.22 10.38
CA GLN A 10 25.32 5.34 11.54
C GLN A 10 24.00 5.56 12.28
N ILE A 11 23.54 6.82 12.31
CA ILE A 11 22.25 7.16 12.89
C ILE A 11 21.12 6.60 12.04
N ILE A 12 21.22 6.77 10.72
CA ILE A 12 20.23 6.21 9.79
C ILE A 12 20.08 4.70 10.02
N ASP A 13 21.21 3.99 10.02
CA ASP A 13 21.27 2.55 10.25
C ASP A 13 20.63 2.14 11.57
N ALA A 14 21.04 2.80 12.65
CA ALA A 14 20.46 2.55 13.97
C ALA A 14 18.94 2.77 13.97
N ALA A 15 18.50 3.85 13.34
CA ALA A 15 17.07 4.17 13.23
C ALA A 15 16.29 3.05 12.53
N VAL A 16 16.79 2.57 11.39
CA VAL A 16 16.20 1.42 10.68
C VAL A 16 15.99 0.27 11.67
N GLU A 17 17.05 -0.04 12.41
CA GLU A 17 17.03 -1.15 13.37
C GLU A 17 15.96 -0.93 14.44
N VAL A 18 16.02 0.22 15.11
CA VAL A 18 15.11 0.54 16.22
C VAL A 18 13.65 0.67 15.77
N ILE A 19 13.44 1.36 14.65
CA ILE A 19 12.08 1.57 14.14
C ILE A 19 11.45 0.24 13.69
N ALA A 20 12.23 -0.62 13.07
CA ALA A 20 11.75 -1.95 12.68
C ALA A 20 11.43 -2.81 13.90
N GLU A 21 12.28 -2.73 14.91
CA GLU A 21 12.16 -3.55 16.12
C GLU A 21 11.00 -3.14 17.01
N ASN A 22 10.80 -1.83 17.17
CA ASN A 22 9.86 -1.30 18.15
C ASN A 22 8.61 -0.66 17.57
N GLY A 23 8.65 -0.33 16.28
CA GLY A 23 7.59 0.46 15.67
C GLY A 23 7.96 1.93 15.77
N TYR A 24 7.55 2.72 14.78
CA TYR A 24 7.92 4.12 14.69
C TYR A 24 7.46 4.96 15.88
N HIS A 25 6.22 4.74 16.31
CA HIS A 25 5.65 5.50 17.41
C HIS A 25 6.28 5.14 18.74
N GLN A 26 6.56 3.85 18.93
CA GLN A 26 7.23 3.39 20.14
C GLN A 26 8.75 3.62 20.07
N SER A 27 9.25 4.00 18.90
CA SER A 27 10.65 4.40 18.76
C SER A 27 10.81 5.78 19.35
N GLN A 28 11.91 6.01 20.07
CA GLN A 28 12.24 7.35 20.53
C GLN A 28 13.71 7.70 20.29
N VAL A 29 13.97 9.00 20.10
CA VAL A 29 15.29 9.53 19.81
C VAL A 29 16.39 8.93 20.71
N SER A 30 16.13 8.92 22.01
CA SER A 30 17.07 8.36 22.99
C SER A 30 17.46 6.91 22.73
N LYS A 31 16.49 6.08 22.32
CA LYS A 31 16.76 4.67 22.02
C LYS A 31 17.56 4.49 20.73
N ILE A 32 17.28 5.35 19.74
CA ILE A 32 18.05 5.38 18.49
C ILE A 32 19.49 5.82 18.78
N ALA A 33 19.64 6.81 19.66
CA ALA A 33 20.95 7.29 20.09
C ALA A 33 21.75 6.17 20.78
N LYS A 34 21.10 5.47 21.71
CA LYS A 34 21.72 4.32 22.39
C LYS A 34 22.15 3.26 21.38
N GLN A 35 21.25 2.93 20.45
CA GLN A 35 21.55 1.98 19.38
C GLN A 35 22.74 2.40 18.53
N ALA A 36 22.82 3.70 18.20
CA ALA A 36 23.91 4.24 17.39
C ALA A 36 25.19 4.43 18.20
N GLY A 37 25.07 4.36 19.52
CA GLY A 37 26.21 4.54 20.42
C GLY A 37 26.69 5.99 20.54
N VAL A 38 25.79 6.93 20.30
CA VAL A 38 26.07 8.36 20.45
C VAL A 38 25.23 8.98 21.57
N ALA A 39 25.54 10.21 21.96
CA ALA A 39 24.71 10.95 22.91
C ALA A 39 23.46 11.48 22.21
N ASP A 40 22.42 11.75 23.00
CA ASP A 40 21.17 12.30 22.47
C ASP A 40 21.39 13.57 21.67
N GLY A 41 22.22 14.47 22.21
CA GLY A 41 22.56 15.72 21.54
C GLY A 41 23.16 15.55 20.15
N THR A 42 23.85 14.43 19.93
CA THR A 42 24.45 14.12 18.62
C THR A 42 23.39 13.88 17.53
N ILE A 43 22.25 13.31 17.93
CA ILE A 43 21.14 13.06 16.99
C ILE A 43 20.62 14.38 16.45
N TYR A 44 20.37 15.31 17.38
CA TYR A 44 19.81 16.62 17.04
C TYR A 44 20.78 17.49 16.24
N LEU A 45 22.07 17.21 16.37
CA LEU A 45 23.08 17.90 15.58
C LEU A 45 22.87 17.63 14.09
N TYR A 46 22.19 16.53 13.78
CA TYR A 46 21.95 16.10 12.41
C TYR A 46 20.48 16.14 11.97
N PHE A 47 19.56 16.05 12.93
CA PHE A 47 18.11 15.96 12.61
C PHE A 47 17.25 16.90 13.47
N LYS A 48 16.10 17.30 12.91
CA LYS A 48 15.14 18.18 13.59
C LYS A 48 14.41 17.47 14.73
N ASN A 49 14.11 16.19 14.53
CA ASN A 49 13.24 15.39 15.41
C ASN A 49 13.08 13.97 14.84
N LYS A 50 12.34 13.13 15.56
CA LYS A 50 12.10 11.74 15.13
C LYS A 50 11.47 11.67 13.73
N GLU A 51 10.51 12.56 13.48
CA GLU A 51 9.88 12.71 12.19
C GLU A 51 10.91 12.93 11.08
N ASP A 52 11.88 13.80 11.35
CA ASP A 52 12.94 14.14 10.40
C ASP A 52 13.90 12.98 10.16
N ILE A 53 14.11 12.16 11.19
CA ILE A 53 14.90 10.94 11.04
C ILE A 53 14.23 9.95 10.07
N LEU A 54 12.92 9.76 10.22
CA LEU A 54 12.16 8.85 9.35
C LEU A 54 12.16 9.31 7.88
N ILE A 55 11.88 10.59 7.66
CA ILE A 55 11.93 11.20 6.32
C ILE A 55 13.33 11.07 5.69
N SER A 56 14.35 11.48 6.43
CA SER A 56 15.72 11.43 5.93
C SER A 56 16.17 10.00 5.64
N LEU A 57 15.75 9.07 6.50
CA LEU A 57 15.99 7.65 6.32
C LEU A 57 15.52 7.23 4.93
N PHE A 58 14.26 7.56 4.63
CA PHE A 58 13.66 7.25 3.34
C PHE A 58 14.39 7.98 2.20
N LYS A 59 14.59 9.29 2.36
CA LYS A 59 15.31 10.07 1.34
C LYS A 59 16.65 9.43 1.01
N GLU A 60 17.42 9.11 2.06
CA GLU A 60 18.72 8.48 1.91
C GLU A 60 18.68 7.14 1.17
N LYS A 61 17.83 6.22 1.64
CA LYS A 61 17.80 4.87 1.08
C LYS A 61 17.32 4.90 -0.37
N MET A 62 16.23 5.64 -0.63
CA MET A 62 15.69 5.83 -1.98
C MET A 62 16.75 6.37 -2.95
N GLY A 63 17.54 7.33 -2.48
CA GLY A 63 18.65 7.88 -3.27
C GLY A 63 19.63 6.83 -3.74
N GLN A 64 20.09 5.99 -2.81
CA GLN A 64 21.01 4.91 -3.12
C GLN A 64 20.38 3.80 -3.96
N PHE A 65 19.11 3.51 -3.71
CA PHE A 65 18.37 2.52 -4.50
C PHE A 65 18.27 2.92 -5.97
N ILE A 66 17.90 4.16 -6.23
CA ILE A 66 17.85 4.69 -7.59
C ILE A 66 19.21 4.67 -8.28
N GLU A 67 20.23 5.22 -7.61
CA GLU A 67 21.57 5.33 -8.20
C GLU A 67 22.11 4.01 -8.75
N ARG A 68 21.82 2.90 -8.06
CA ARG A 68 22.16 1.58 -8.58
C ARG A 68 21.32 1.26 -9.82
N MET A 69 20.00 1.37 -9.67
CA MET A 69 19.06 0.97 -10.69
C MET A 69 19.11 1.85 -11.94
N GLU A 70 19.25 3.16 -11.74
CA GLU A 70 19.25 4.13 -12.84
C GLU A 70 20.41 3.91 -13.81
N GLU A 71 21.60 3.63 -13.28
CA GLU A 71 22.75 3.34 -14.13
C GLU A 71 22.61 1.97 -14.78
N ASP A 72 21.87 1.07 -14.13
CA ASP A 72 21.70 -0.30 -14.60
C ASP A 72 20.68 -0.46 -15.72
N ILE A 73 19.57 0.28 -15.64
CA ILE A 73 18.50 0.17 -16.64
C ILE A 73 18.91 0.76 -17.99
N LYS A 74 19.85 1.70 -17.97
CA LYS A 74 20.30 2.39 -19.19
C LYS A 74 20.79 1.41 -20.26
N GLU A 75 21.43 0.33 -19.83
CA GLU A 75 21.94 -0.70 -20.75
C GLU A 75 20.84 -1.52 -21.40
N LYS A 76 19.72 -1.67 -20.70
CA LYS A 76 18.59 -2.46 -21.19
C LYS A 76 17.79 -1.69 -22.23
N ALA A 77 17.39 -2.36 -23.31
CA ALA A 77 16.74 -1.70 -24.42
C ALA A 77 15.25 -1.47 -24.18
N THR A 78 14.49 -2.56 -24.14
CA THR A 78 13.04 -2.49 -24.10
C THR A 78 12.49 -2.09 -22.72
N ALA A 79 11.27 -1.57 -22.71
CA ALA A 79 10.55 -1.26 -21.47
C ALA A 79 10.39 -2.51 -20.59
N LYS A 80 10.08 -3.65 -21.20
CA LYS A 80 9.99 -4.92 -20.49
C LYS A 80 11.30 -5.27 -19.75
N GLU A 81 12.42 -5.14 -20.44
CA GLU A 81 13.72 -5.43 -19.82
C GLU A 81 14.02 -4.48 -18.68
N LYS A 82 13.69 -3.21 -18.86
CA LYS A 82 13.93 -2.20 -17.83
C LYS A 82 13.10 -2.48 -16.59
N LEU A 83 11.83 -2.82 -16.81
CA LEU A 83 10.93 -3.20 -15.72
C LEU A 83 11.42 -4.44 -14.99
N ALA A 84 11.89 -5.43 -15.76
CA ALA A 84 12.46 -6.65 -15.18
C ALA A 84 13.50 -6.35 -14.11
N LEU A 85 14.37 -5.40 -14.43
CA LEU A 85 15.46 -5.01 -13.57
C LEU A 85 14.96 -4.14 -12.40
N VAL A 86 13.95 -3.29 -12.66
CA VAL A 86 13.30 -2.52 -11.59
C VAL A 86 12.76 -3.45 -10.50
N ILE A 87 12.03 -4.48 -10.92
CA ILE A 87 11.36 -5.41 -9.99
C ILE A 87 12.38 -6.22 -9.18
N SER A 88 13.34 -6.82 -9.86
CA SER A 88 14.35 -7.64 -9.18
C SER A 88 15.22 -6.83 -8.23
N LYS A 89 15.58 -5.61 -8.60
CA LYS A 89 16.35 -4.71 -7.70
C LYS A 89 15.54 -4.27 -6.49
N HIS A 90 14.28 -3.93 -6.74
CA HIS A 90 13.33 -3.58 -5.68
C HIS A 90 13.21 -4.74 -4.70
N PHE A 91 12.91 -5.93 -5.22
CA PHE A 91 12.82 -7.15 -4.40
C PHE A 91 14.15 -7.47 -3.70
N SER A 92 15.27 -7.35 -4.42
CA SER A 92 16.61 -7.67 -3.87
C SER A 92 17.01 -6.80 -2.69
N LEU A 93 16.78 -5.50 -2.81
CA LEU A 93 17.12 -4.54 -1.75
C LEU A 93 16.40 -4.86 -0.45
N LEU A 94 15.11 -5.18 -0.56
CA LEU A 94 14.30 -5.37 0.62
C LEU A 94 14.45 -6.78 1.20
N ALA A 95 14.79 -7.74 0.35
CA ALA A 95 15.07 -9.11 0.80
C ALA A 95 16.45 -9.19 1.47
N GLY A 96 17.33 -8.25 1.13
CA GLY A 96 18.69 -8.23 1.67
C GLY A 96 18.73 -7.57 3.05
N ASP A 97 17.68 -6.83 3.38
CA ASP A 97 17.60 -6.09 4.64
C ASP A 97 16.22 -6.29 5.27
N HIS A 98 16.14 -7.28 6.17
CA HIS A 98 14.93 -7.65 6.90
C HIS A 98 14.24 -6.42 7.49
N ASN A 99 15.02 -5.61 8.22
CA ASN A 99 14.49 -4.46 8.95
C ASN A 99 14.04 -3.31 8.08
N LEU A 100 14.84 -2.99 7.07
CA LEU A 100 14.45 -2.01 6.06
C LEU A 100 13.09 -2.36 5.44
N ALA A 101 12.86 -3.65 5.20
CA ALA A 101 11.60 -4.12 4.62
C ALA A 101 10.42 -3.84 5.56
N ILE A 102 10.63 -4.01 6.87
CA ILE A 102 9.58 -3.70 7.83
C ILE A 102 9.29 -2.21 7.82
N VAL A 103 10.34 -1.40 7.73
CA VAL A 103 10.21 0.05 7.68
C VAL A 103 9.45 0.53 6.44
N THR A 104 9.85 0.05 5.26
CA THR A 104 9.20 0.48 4.01
C THR A 104 7.73 0.04 3.93
N GLN A 105 7.44 -1.16 4.42
CA GLN A 105 6.11 -1.76 4.27
C GLN A 105 5.14 -1.42 5.40
N LEU A 106 5.67 -1.06 6.57
CA LEU A 106 4.84 -0.79 7.74
C LEU A 106 5.13 0.56 8.40
N GLU A 107 6.36 0.75 8.83
CA GLU A 107 6.70 1.89 9.70
C GLU A 107 6.67 3.25 9.00
N LEU A 108 6.98 3.26 7.71
CA LEU A 108 6.85 4.46 6.89
C LEU A 108 5.39 4.74 6.51
N ARG A 109 4.52 3.77 6.72
CA ARG A 109 3.10 3.92 6.36
C ARG A 109 2.35 4.65 7.46
N GLN A 110 2.77 5.89 7.70
CA GLN A 110 2.16 6.77 8.70
C GLN A 110 0.85 7.32 8.18
N SER A 111 -0.11 7.48 9.09
CA SER A 111 -1.45 7.90 8.72
C SER A 111 -1.67 9.39 8.96
N ASN A 112 -0.68 10.05 9.54
CA ASN A 112 -0.71 11.51 9.65
C ASN A 112 -0.54 12.08 8.25
N LEU A 113 -1.67 12.33 7.60
CA LEU A 113 -1.71 12.70 6.18
C LEU A 113 -0.62 13.69 5.78
N GLU A 114 -0.36 14.68 6.65
CA GLU A 114 0.68 15.68 6.41
C GLU A 114 2.07 15.07 6.27
N LEU A 115 2.48 14.28 7.26
CA LEU A 115 3.78 13.61 7.22
C LEU A 115 3.88 12.70 5.99
N ARG A 116 2.78 12.02 5.69
CA ARG A 116 2.71 11.11 4.55
C ARG A 116 2.86 11.83 3.20
N GLN A 117 2.61 13.15 3.18
CA GLN A 117 2.84 13.97 1.98
C GLN A 117 4.33 14.18 1.73
N LYS A 118 5.10 14.34 2.82
CA LYS A 118 6.55 14.54 2.73
C LYS A 118 7.29 13.26 2.31
N ILE A 119 6.76 12.12 2.76
CA ILE A 119 7.29 10.80 2.39
C ILE A 119 7.02 10.49 0.91
N ASN A 120 5.78 10.69 0.48
CA ASN A 120 5.41 10.40 -0.89
CA ASN A 120 5.37 10.44 -0.90
C ASN A 120 6.15 11.27 -1.92
N GLU A 121 6.52 12.49 -1.51
CA GLU A 121 7.30 13.38 -2.36
C GLU A 121 8.68 12.78 -2.70
N ILE A 122 9.25 12.01 -1.77
CA ILE A 122 10.49 11.25 -2.00
C ILE A 122 10.26 10.07 -2.97
N LEU A 123 9.10 9.44 -2.85
CA LEU A 123 8.73 8.34 -3.72
C LEU A 123 8.65 8.79 -5.19
N LYS A 124 8.34 10.06 -5.40
CA LYS A 124 8.17 10.64 -6.75
C LYS A 124 9.34 10.38 -7.69
N GLY A 125 10.56 10.44 -7.16
CA GLY A 125 11.76 10.16 -7.96
C GLY A 125 11.71 8.77 -8.59
N TYR A 126 11.30 7.80 -7.79
CA TYR A 126 11.16 6.42 -8.24
C TYR A 126 9.99 6.27 -9.23
N LEU A 127 8.84 6.85 -8.91
CA LEU A 127 7.67 6.74 -9.80
C LEU A 127 7.94 7.42 -11.13
N ASN A 128 8.79 8.43 -11.12
CA ASN A 128 9.18 9.11 -12.35
C ASN A 128 9.95 8.19 -13.28
N ILE A 129 10.76 7.30 -12.70
CA ILE A 129 11.50 6.32 -13.49
C ILE A 129 10.52 5.39 -14.22
N LEU A 130 9.53 4.88 -13.48
CA LEU A 130 8.47 4.06 -14.08
C LEU A 130 7.81 4.80 -15.25
N ASP A 131 7.44 6.06 -15.04
CA ASP A 131 6.82 6.90 -16.08
C ASP A 131 7.68 6.96 -17.32
N GLY A 132 8.97 7.24 -17.15
CA GLY A 132 9.94 7.33 -18.24
C GLY A 132 10.10 6.04 -19.02
N ILE A 133 10.10 4.93 -18.30
CA ILE A 133 10.09 3.60 -18.91
C ILE A 133 8.86 3.41 -19.80
N LEU A 134 7.69 3.82 -19.31
CA LEU A 134 6.46 3.69 -20.09
C LEU A 134 6.46 4.59 -21.32
N THR A 135 6.85 5.86 -21.15
CA THR A 135 6.85 6.81 -22.28
C THR A 135 7.87 6.50 -23.37
N GLU A 136 9.04 5.99 -22.98
CA GLU A 136 9.99 5.44 -23.95
C GLU A 136 9.33 4.30 -24.71
N GLY A 137 8.67 3.40 -23.97
CA GLY A 137 7.99 2.25 -24.57
C GLY A 137 6.85 2.63 -25.50
N ILE A 138 6.13 3.69 -25.12
CA ILE A 138 5.09 4.26 -25.96
C ILE A 138 5.68 4.77 -27.28
N GLN A 139 6.77 5.52 -27.18
CA GLN A 139 7.40 6.13 -28.35
C GLN A 139 7.96 5.11 -29.35
N SER A 140 8.51 4.01 -28.82
CA SER A 140 9.13 2.99 -29.66
C SER A 140 8.10 2.02 -30.25
N GLY A 141 6.84 2.16 -29.83
CA GLY A 141 5.79 1.24 -30.26
C GLY A 141 5.77 -0.07 -29.49
N GLU A 142 6.46 -0.13 -28.37
CA GLU A 142 6.48 -1.34 -27.54
C GLU A 142 5.23 -1.45 -26.66
N ILE A 143 4.70 -0.32 -26.22
CA ILE A 143 3.59 -0.31 -25.25
C ILE A 143 2.23 -0.30 -25.96
N LYS A 144 1.27 -1.02 -25.37
CA LYS A 144 -0.12 -1.03 -25.79
C LYS A 144 -0.68 0.38 -25.96
N GLU A 145 -1.19 0.68 -27.16
CA GLU A 145 -1.91 1.93 -27.42
C GLU A 145 -3.14 2.04 -26.51
N GLY A 146 -3.45 3.26 -26.08
CA GLY A 146 -4.57 3.49 -25.16
C GLY A 146 -4.22 3.42 -23.68
N LEU A 147 -2.97 3.10 -23.37
CA LEU A 147 -2.52 3.01 -21.98
C LEU A 147 -2.37 4.40 -21.34
N ASP A 148 -2.82 4.51 -20.09
CA ASP A 148 -2.64 5.72 -19.31
C ASP A 148 -1.41 5.55 -18.41
N VAL A 149 -0.42 6.42 -18.64
CA VAL A 149 0.88 6.34 -17.96
C VAL A 149 0.74 6.37 -16.43
N ARG A 150 0.00 7.35 -15.92
N ARG A 150 0.01 7.35 -15.91
CA ARG A 150 -0.20 7.49 -14.48
CA ARG A 150 -0.18 7.48 -14.47
C ARG A 150 -0.78 6.22 -13.85
C ARG A 150 -0.79 6.22 -13.85
N LEU A 151 -1.82 5.67 -14.48
CA LEU A 151 -2.50 4.47 -13.98
C LEU A 151 -1.66 3.21 -14.07
N ALA A 152 -0.95 3.04 -15.20
CA ALA A 152 -0.02 1.92 -15.38
C ALA A 152 1.11 1.95 -14.35
N ARG A 153 1.64 3.14 -14.07
CA ARG A 153 2.65 3.32 -13.05
C ARG A 153 2.11 2.93 -11.67
N GLN A 154 0.86 3.29 -11.39
CA GLN A 154 0.21 2.91 -10.14
C GLN A 154 0.02 1.40 -10.06
N MET A 155 -0.33 0.80 -11.19
CA MET A 155 -0.37 -0.66 -11.30
C MET A 155 1.00 -1.30 -11.01
N ILE A 156 2.04 -0.84 -11.70
CA ILE A 156 3.38 -1.41 -11.54
C ILE A 156 3.84 -1.29 -10.08
N PHE A 157 3.80 -0.08 -9.52
CA PHE A 157 4.26 0.13 -8.15
C PHE A 157 3.40 -0.60 -7.13
N GLY A 158 2.08 -0.50 -7.30
CA GLY A 158 1.15 -1.12 -6.37
C GLY A 158 1.32 -2.63 -6.35
N THR A 159 1.67 -3.20 -7.51
CA THR A 159 1.82 -4.64 -7.67
C THR A 159 3.12 -5.12 -7.01
N ILE A 160 4.22 -4.45 -7.34
CA ILE A 160 5.51 -4.72 -6.70
C ILE A 160 5.35 -4.57 -5.18
N ASP A 161 4.78 -3.43 -4.77
CA ASP A 161 4.62 -3.08 -3.34
C ASP A 161 3.76 -4.09 -2.56
N GLU A 162 2.62 -4.49 -3.14
CA GLU A 162 1.75 -5.48 -2.49
C GLU A 162 2.45 -6.85 -2.36
N THR A 163 3.26 -7.21 -3.35
CA THR A 163 4.00 -8.46 -3.30
C THR A 163 5.00 -8.44 -2.13
N VAL A 164 5.66 -7.30 -1.93
CA VAL A 164 6.58 -7.13 -0.79
C VAL A 164 5.82 -7.15 0.53
N THR A 165 4.68 -6.46 0.57
CA THR A 165 3.85 -6.43 1.78
C THR A 165 3.40 -7.83 2.19
N THR A 166 2.83 -8.58 1.24
CA THR A 166 2.35 -9.95 1.56
C THR A 166 3.50 -10.81 2.10
N TRP A 167 4.69 -10.61 1.53
CA TRP A 167 5.90 -11.30 1.94
C TRP A 167 6.28 -10.90 3.38
N VAL A 168 6.19 -9.61 3.68
CA VAL A 168 6.45 -9.09 5.03
C VAL A 168 5.43 -9.63 6.03
N MET A 169 4.16 -9.66 5.63
CA MET A 169 3.09 -10.24 6.46
C MET A 169 3.36 -11.69 6.81
N ASN A 170 4.00 -12.41 5.89
CA ASN A 170 4.37 -13.81 6.13
C ASN A 170 5.81 -13.95 6.64
N ASP A 171 6.26 -12.95 7.41
CA ASP A 171 7.54 -12.98 8.10
C ASP A 171 8.75 -13.15 7.19
N GLN A 172 8.59 -12.78 5.92
CA GLN A 172 9.67 -12.79 4.94
C GLN A 172 10.29 -14.17 4.83
N LYS A 173 9.47 -15.21 4.92
CA LYS A 173 9.99 -16.57 5.02
C LYS A 173 10.24 -17.22 3.67
N TYR A 174 9.65 -16.68 2.61
CA TYR A 174 9.89 -17.23 1.28
C TYR A 174 10.77 -16.34 0.39
N ASP A 175 11.21 -16.90 -0.74
CA ASP A 175 12.17 -16.25 -1.64
C ASP A 175 11.44 -15.23 -2.51
N LEU A 176 11.41 -13.98 -2.05
CA LEU A 176 10.74 -12.88 -2.76
C LEU A 176 11.36 -12.66 -4.15
N VAL A 177 12.69 -12.56 -4.18
CA VAL A 177 13.44 -12.27 -5.40
C VAL A 177 13.11 -13.23 -6.56
N ALA A 178 12.86 -14.50 -6.23
CA ALA A 178 12.56 -15.53 -7.23
C ALA A 178 11.21 -15.34 -7.92
N LEU A 179 10.38 -14.45 -7.37
CA LEU A 179 9.07 -14.15 -7.94
C LEU A 179 9.12 -13.01 -8.97
N SER A 180 10.29 -12.38 -9.10
CA SER A 180 10.52 -11.22 -9.96
C SER A 180 9.93 -11.37 -11.35
N ASN A 181 10.37 -12.43 -12.03
CA ASN A 181 9.98 -12.65 -13.40
C ASN A 181 8.49 -12.87 -13.57
N SER A 182 7.90 -13.63 -12.65
CA SER A 182 6.46 -13.91 -12.72
C SER A 182 5.63 -12.64 -12.54
N VAL A 183 6.05 -11.79 -11.60
CA VAL A 183 5.40 -10.50 -11.37
C VAL A 183 5.52 -9.61 -12.61
N LEU A 184 6.72 -9.58 -13.19
CA LEU A 184 6.95 -8.89 -14.46
C LEU A 184 5.97 -9.36 -15.57
N GLU A 185 5.86 -10.67 -15.74
CA GLU A 185 5.03 -11.26 -16.79
C GLU A 185 3.54 -10.96 -16.58
N LEU A 186 3.10 -10.97 -15.33
CA LEU A 186 1.74 -10.53 -14.97
C LEU A 186 1.48 -9.08 -15.37
N LEU A 187 2.44 -8.21 -15.06
CA LEU A 187 2.32 -6.79 -15.37
C LEU A 187 2.34 -6.54 -16.88
N VAL A 188 3.12 -7.35 -17.59
CA VAL A 188 3.31 -7.17 -19.04
C VAL A 188 2.13 -7.71 -19.82
N SER A 189 1.65 -8.90 -19.45
CA SER A 189 0.61 -9.58 -20.21
C SER A 189 -0.80 -9.56 -19.59
N GLY A 190 -0.91 -9.14 -18.33
CA GLY A 190 -2.21 -9.14 -17.65
C GLY A 190 -2.62 -10.55 -17.25
N ILE A 191 -3.84 -10.69 -16.73
CA ILE A 191 -4.34 -11.99 -16.28
C ILE A 191 -5.02 -12.82 -17.38
N HIS A 192 -5.42 -12.18 -18.47
CA HIS A 192 -6.17 -12.87 -19.54
C HIS A 192 -5.38 -13.96 -20.27
N ASN A 193 -6.12 -14.92 -20.84
CA ASN A 193 -5.53 -16.12 -21.46
C ASN A 193 -4.68 -15.86 -22.70
N PRO B 6 -27.67 1.63 15.18
CA PRO B 6 -27.81 2.06 16.58
C PRO B 6 -26.91 3.25 16.88
N LYS B 7 -26.64 3.47 18.17
CA LYS B 7 -25.62 4.42 18.59
C LYS B 7 -24.23 3.83 18.35
N TYR B 8 -24.20 2.50 18.22
CA TYR B 8 -23.01 1.76 17.80
C TYR B 8 -22.48 2.32 16.48
N MET B 9 -23.36 2.45 15.49
CA MET B 9 -23.00 3.01 14.19
C MET B 9 -22.63 4.49 14.28
N GLN B 10 -23.28 5.19 15.21
CA GLN B 10 -23.06 6.62 15.41
C GLN B 10 -21.63 6.91 15.87
N ILE B 11 -21.12 6.09 16.78
CA ILE B 11 -19.72 6.22 17.21
C ILE B 11 -18.75 5.73 16.13
N ILE B 12 -19.08 4.62 15.47
CA ILE B 12 -18.32 4.15 14.31
C ILE B 12 -18.14 5.30 13.32
N ASP B 13 -19.25 5.98 12.97
CA ASP B 13 -19.24 7.07 12.00
C ASP B 13 -18.41 8.28 12.47
N ALA B 14 -18.50 8.58 13.76
CA ALA B 14 -17.67 9.62 14.37
C ALA B 14 -16.20 9.22 14.35
N ALA B 15 -15.93 7.95 14.63
CA ALA B 15 -14.58 7.41 14.62
C ALA B 15 -13.91 7.59 13.25
N VAL B 16 -14.66 7.34 12.18
CA VAL B 16 -14.19 7.55 10.81
C VAL B 16 -13.69 8.99 10.63
N GLU B 17 -14.47 9.95 11.12
CA GLU B 17 -14.13 11.37 11.02
C GLU B 17 -12.88 11.76 11.82
N VAL B 18 -12.78 11.28 13.06
CA VAL B 18 -11.71 11.67 13.99
C VAL B 18 -10.36 11.07 13.56
N ILE B 19 -10.38 9.77 13.23
CA ILE B 19 -9.21 9.03 12.79
C ILE B 19 -8.65 9.59 11.48
N ALA B 20 -9.54 9.99 10.57
CA ALA B 20 -9.14 10.59 9.30
C ALA B 20 -8.46 11.95 9.49
N GLU B 21 -8.90 12.69 10.51
CA GLU B 21 -8.38 14.04 10.75
C GLU B 21 -6.88 14.06 11.09
N ASN B 22 -6.47 13.26 12.07
CA ASN B 22 -5.08 13.30 12.56
C ASN B 22 -4.31 11.99 12.38
N GLY B 23 -5.02 10.93 12.01
CA GLY B 23 -4.44 9.60 11.99
C GLY B 23 -4.88 8.89 13.25
N TYR B 24 -4.83 7.56 13.21
CA TYR B 24 -5.32 6.72 14.30
C TYR B 24 -4.55 6.92 15.61
N HIS B 25 -3.23 6.94 15.51
CA HIS B 25 -2.36 7.10 16.68
C HIS B 25 -2.62 8.41 17.42
N GLN B 26 -2.78 9.50 16.67
CA GLN B 26 -3.05 10.81 17.25
C GLN B 26 -4.49 11.00 17.71
N SER B 27 -5.43 10.27 17.11
CA SER B 27 -6.85 10.36 17.45
C SER B 27 -7.09 10.05 18.92
N GLN B 28 -8.05 10.73 19.52
CA GLN B 28 -8.40 10.51 20.93
C GLN B 28 -9.83 10.04 21.10
N VAL B 29 -10.03 9.12 22.04
CA VAL B 29 -11.35 8.58 22.39
C VAL B 29 -12.28 9.72 22.85
N SER B 30 -11.71 10.70 23.54
CA SER B 30 -12.40 11.92 23.96
C SER B 30 -13.13 12.58 22.79
N LYS B 31 -12.37 12.91 21.74
CA LYS B 31 -12.90 13.62 20.58
C LYS B 31 -13.88 12.77 19.75
N ILE B 32 -13.76 11.45 19.83
CA ILE B 32 -14.69 10.54 19.16
C ILE B 32 -16.08 10.66 19.78
N ALA B 33 -16.13 10.67 21.12
CA ALA B 33 -17.37 10.88 21.86
C ALA B 33 -18.03 12.22 21.49
N LYS B 34 -17.19 13.25 21.37
CA LYS B 34 -17.65 14.59 21.00
C LYS B 34 -18.35 14.60 19.64
N GLN B 35 -17.67 14.11 18.61
CA GLN B 35 -18.22 14.09 17.26
C GLN B 35 -19.42 13.14 17.14
N ALA B 36 -19.52 12.20 18.08
CA ALA B 36 -20.65 11.27 18.12
C ALA B 36 -21.84 11.89 18.84
N GLY B 37 -21.57 12.94 19.62
CA GLY B 37 -22.59 13.62 20.42
C GLY B 37 -22.91 12.83 21.67
N VAL B 38 -21.93 12.05 22.15
CA VAL B 38 -22.14 11.15 23.28
C VAL B 38 -21.06 11.37 24.35
N ALA B 39 -21.31 10.84 25.55
CA ALA B 39 -20.35 10.92 26.66
C ALA B 39 -19.40 9.72 26.67
N ASP B 40 -18.21 9.94 27.24
CA ASP B 40 -17.11 8.95 27.26
C ASP B 40 -17.49 7.54 27.70
N GLY B 41 -18.38 7.44 28.69
CA GLY B 41 -18.78 6.15 29.26
C GLY B 41 -19.57 5.27 28.31
N THR B 42 -20.32 5.90 27.41
CA THR B 42 -21.15 5.18 26.44
C THR B 42 -20.28 4.50 25.38
N ILE B 43 -19.11 5.07 25.13
CA ILE B 43 -18.12 4.47 24.23
C ILE B 43 -17.68 3.11 24.78
N TYR B 44 -17.46 3.07 26.09
CA TYR B 44 -17.03 1.84 26.75
C TYR B 44 -18.17 0.88 27.04
N LEU B 45 -19.39 1.26 26.64
CA LEU B 45 -20.54 0.34 26.70
C LEU B 45 -20.55 -0.58 25.48
N TYR B 46 -20.01 -0.08 24.37
CA TYR B 46 -20.01 -0.80 23.10
C TYR B 46 -18.63 -1.29 22.70
N PHE B 47 -17.60 -0.61 23.18
CA PHE B 47 -16.22 -0.91 22.79
C PHE B 47 -15.29 -1.11 23.97
N LYS B 48 -14.34 -2.03 23.81
CA LYS B 48 -13.34 -2.33 24.83
C LYS B 48 -12.38 -1.16 24.99
N ASN B 49 -11.80 -0.72 23.88
CA ASN B 49 -10.81 0.35 23.84
C ASN B 49 -10.71 1.00 22.46
N LYS B 50 -9.70 1.86 22.31
CA LYS B 50 -9.42 2.56 21.06
C LYS B 50 -9.19 1.59 19.90
N GLU B 51 -8.45 0.53 20.20
CA GLU B 51 -8.13 -0.51 19.23
C GLU B 51 -9.38 -1.24 18.71
N ASP B 52 -10.30 -1.56 19.62
CA ASP B 52 -11.57 -2.22 19.29
C ASP B 52 -12.42 -1.36 18.34
N ILE B 53 -12.36 -0.05 18.50
CA ILE B 53 -13.08 0.88 17.64
C ILE B 53 -12.57 0.78 16.20
N LEU B 54 -11.24 0.78 16.04
CA LEU B 54 -10.63 0.71 14.72
C LEU B 54 -10.96 -0.61 14.01
N ILE B 55 -10.81 -1.72 14.74
CA ILE B 55 -11.15 -3.04 14.21
C ILE B 55 -12.62 -3.10 13.79
N SER B 56 -13.51 -2.61 14.67
CA SER B 56 -14.95 -2.57 14.40
C SER B 56 -15.29 -1.69 13.22
N LEU B 57 -14.54 -0.60 13.08
CA LEU B 57 -14.68 0.31 11.95
C LEU B 57 -14.45 -0.46 10.64
N PHE B 58 -13.33 -1.18 10.58
CA PHE B 58 -12.99 -1.98 9.41
C PHE B 58 -13.98 -3.12 9.18
N LYS B 59 -14.34 -3.82 10.25
CA LYS B 59 -15.32 -4.90 10.18
C LYS B 59 -16.63 -4.40 9.61
N GLU B 60 -17.07 -3.23 10.08
CA GLU B 60 -18.34 -2.67 9.63
C GLU B 60 -18.26 -2.06 8.23
N LYS B 61 -17.23 -1.27 7.96
CA LYS B 61 -17.15 -0.57 6.68
C LYS B 61 -16.64 -1.45 5.54
N MET B 62 -15.49 -2.08 5.75
CA MET B 62 -14.91 -2.95 4.74
C MET B 62 -15.55 -4.34 4.75
N GLY B 63 -15.83 -4.85 5.94
CA GLY B 63 -16.46 -6.16 6.11
C GLY B 63 -17.80 -6.27 5.43
N GLN B 64 -18.64 -5.24 5.57
CA GLN B 64 -19.94 -5.22 4.90
C GLN B 64 -19.79 -5.05 3.38
N PHE B 65 -18.77 -4.32 2.96
CA PHE B 65 -18.47 -4.19 1.53
C PHE B 65 -18.14 -5.55 0.92
N ILE B 66 -17.25 -6.29 1.59
CA ILE B 66 -16.83 -7.63 1.18
C ILE B 66 -18.03 -8.58 1.03
N GLU B 67 -18.91 -8.58 2.02
CA GLU B 67 -20.10 -9.43 2.01
C GLU B 67 -21.04 -9.12 0.85
N ARG B 68 -21.26 -7.84 0.59
CA ARG B 68 -22.05 -7.39 -0.57
C ARG B 68 -21.46 -7.88 -1.89
N MET B 69 -20.12 -7.80 -2.00
CA MET B 69 -19.41 -8.26 -3.19
C MET B 69 -19.55 -9.76 -3.38
N GLU B 70 -19.45 -10.50 -2.28
CA GLU B 70 -19.64 -11.96 -2.28
C GLU B 70 -20.94 -12.35 -2.98
N GLU B 71 -22.00 -11.57 -2.74
CA GLU B 71 -23.31 -11.83 -3.34
C GLU B 71 -23.39 -11.29 -4.77
N ASP B 72 -23.00 -10.04 -4.96
CA ASP B 72 -23.25 -9.32 -6.21
C ASP B 72 -22.44 -9.79 -7.43
N ILE B 73 -21.30 -10.44 -7.19
CA ILE B 73 -20.48 -10.95 -8.30
C ILE B 73 -21.09 -12.18 -8.97
N LYS B 74 -21.92 -12.92 -8.23
CA LYS B 74 -22.59 -14.13 -8.71
C LYS B 74 -23.55 -13.87 -9.88
N GLU B 75 -23.96 -12.61 -10.03
CA GLU B 75 -24.83 -12.18 -11.12
C GLU B 75 -24.06 -12.12 -12.44
N LYS B 76 -22.74 -11.97 -12.35
CA LYS B 76 -21.90 -11.68 -13.51
C LYS B 76 -21.26 -12.93 -14.08
N ALA B 77 -21.35 -13.08 -15.41
CA ALA B 77 -20.93 -14.32 -16.08
C ALA B 77 -19.42 -14.54 -16.05
N THR B 78 -18.66 -13.55 -16.52
CA THR B 78 -17.24 -13.73 -16.74
C THR B 78 -16.42 -13.18 -15.56
N ALA B 79 -15.21 -13.72 -15.39
CA ALA B 79 -14.26 -13.22 -14.40
C ALA B 79 -13.99 -11.73 -14.61
N LYS B 80 -13.85 -11.30 -15.86
CA LYS B 80 -13.65 -9.89 -16.19
C LYS B 80 -14.74 -8.99 -15.61
N GLU B 81 -16.00 -9.39 -15.82
CA GLU B 81 -17.16 -8.65 -15.32
C GLU B 81 -17.23 -8.65 -13.79
N LYS B 82 -16.96 -9.80 -13.18
CA LYS B 82 -16.92 -9.89 -11.73
C LYS B 82 -15.90 -8.88 -11.18
N LEU B 83 -14.70 -8.90 -11.75
CA LEU B 83 -13.64 -7.97 -11.37
C LEU B 83 -14.05 -6.50 -11.65
N ALA B 84 -14.73 -6.28 -12.77
CA ALA B 84 -15.27 -4.95 -13.11
C ALA B 84 -16.14 -4.38 -11.99
N LEU B 85 -16.97 -5.24 -11.39
CA LEU B 85 -17.88 -4.82 -10.33
C LEU B 85 -17.15 -4.56 -9.01
N VAL B 86 -16.25 -5.46 -8.63
CA VAL B 86 -15.46 -5.31 -7.41
C VAL B 86 -14.72 -3.96 -7.39
N ILE B 87 -14.04 -3.63 -8.48
CA ILE B 87 -13.26 -2.39 -8.59
C ILE B 87 -14.16 -1.16 -8.54
N SER B 88 -15.20 -1.21 -9.36
CA SER B 88 -16.17 -0.14 -9.49
C SER B 88 -16.85 0.14 -8.16
N LYS B 89 -17.30 -0.92 -7.48
CA LYS B 89 -17.97 -0.76 -6.19
C LYS B 89 -17.01 -0.31 -5.08
N HIS B 90 -15.77 -0.77 -5.13
CA HIS B 90 -14.75 -0.34 -4.17
C HIS B 90 -14.44 1.14 -4.33
N PHE B 91 -14.29 1.60 -5.57
CA PHE B 91 -14.06 3.01 -5.83
C PHE B 91 -15.25 3.87 -5.38
N SER B 92 -16.48 3.40 -5.65
CA SER B 92 -17.70 4.11 -5.27
C SER B 92 -17.82 4.28 -3.76
N LEU B 93 -17.65 3.18 -3.03
CA LEU B 93 -17.67 3.22 -1.58
C LEU B 93 -16.77 4.34 -1.07
N LEU B 94 -15.54 4.38 -1.54
CA LEU B 94 -14.56 5.35 -1.03
C LEU B 94 -14.80 6.78 -1.52
N ALA B 95 -15.27 6.93 -2.76
CA ALA B 95 -15.55 8.25 -3.34
C ALA B 95 -16.77 8.91 -2.72
N GLY B 96 -17.58 8.15 -2.00
CA GLY B 96 -18.78 8.67 -1.34
C GLY B 96 -18.52 9.20 0.07
N ASP B 97 -17.27 9.11 0.52
CA ASP B 97 -16.90 9.46 1.89
C ASP B 97 -15.41 9.79 1.97
N HIS B 98 -15.09 11.07 2.04
CA HIS B 98 -13.72 11.58 2.10
C HIS B 98 -12.90 10.98 3.24
N ASN B 99 -13.53 10.84 4.40
CA ASN B 99 -12.87 10.35 5.60
C ASN B 99 -12.65 8.84 5.55
N LEU B 100 -13.63 8.12 5.00
CA LEU B 100 -13.51 6.68 4.86
C LEU B 100 -12.33 6.30 3.96
N ALA B 101 -12.16 7.04 2.86
CA ALA B 101 -11.04 6.83 1.95
C ALA B 101 -9.71 6.94 2.67
N ILE B 102 -9.58 7.99 3.49
CA ILE B 102 -8.36 8.23 4.25
C ILE B 102 -8.08 7.10 5.23
N VAL B 103 -9.08 6.69 6.00
CA VAL B 103 -8.90 5.66 7.04
C VAL B 103 -8.57 4.28 6.44
N THR B 104 -9.37 3.84 5.47
CA THR B 104 -9.16 2.52 4.85
C THR B 104 -7.80 2.39 4.17
N GLN B 105 -7.32 3.48 3.57
CA GLN B 105 -6.01 3.46 2.92
C GLN B 105 -4.86 3.57 3.91
N LEU B 106 -4.89 4.58 4.77
CA LEU B 106 -3.76 4.90 5.64
C LEU B 106 -3.64 4.01 6.88
N GLU B 107 -4.74 3.34 7.26
CA GLU B 107 -4.74 2.55 8.50
C GLU B 107 -4.90 1.04 8.25
N LEU B 108 -4.81 0.64 6.98
CA LEU B 108 -4.92 -0.76 6.59
C LEU B 108 -3.72 -1.58 7.10
N ARG B 109 -2.54 -1.00 7.03
CA ARG B 109 -1.32 -1.69 7.42
C ARG B 109 -0.85 -1.17 8.77
N GLN B 110 -1.12 -1.94 9.82
CA GLN B 110 -0.80 -1.54 11.18
C GLN B 110 0.52 -2.12 11.65
N SER B 111 1.25 -1.33 12.43
CA SER B 111 2.53 -1.73 12.99
C SER B 111 2.37 -2.79 14.09
N ASN B 112 1.46 -2.53 15.02
CA ASN B 112 1.15 -3.48 16.08
C ASN B 112 0.65 -4.80 15.51
N LEU B 113 1.27 -5.90 15.96
CA LEU B 113 1.06 -7.21 15.37
C LEU B 113 -0.38 -7.72 15.48
N GLU B 114 -0.96 -7.68 16.67
CA GLU B 114 -2.28 -8.25 16.88
C GLU B 114 -3.40 -7.40 16.27
N LEU B 115 -3.21 -6.08 16.30
CA LEU B 115 -4.06 -5.16 15.54
C LEU B 115 -3.95 -5.44 14.04
N ARG B 116 -2.71 -5.61 13.55
CA ARG B 116 -2.48 -5.95 12.14
C ARG B 116 -3.15 -7.27 11.76
N GLN B 117 -3.07 -8.25 12.65
CA GLN B 117 -3.67 -9.56 12.44
C GLN B 117 -5.19 -9.50 12.30
N LYS B 118 -5.82 -8.70 13.15
CA LYS B 118 -7.28 -8.50 13.14
C LYS B 118 -7.79 -7.84 11.85
N ILE B 119 -7.06 -6.83 11.38
CA ILE B 119 -7.41 -6.11 10.16
C ILE B 119 -7.12 -6.97 8.91
N ASN B 120 -5.99 -7.67 8.91
CA ASN B 120 -5.66 -8.61 7.84
C ASN B 120 -6.72 -9.70 7.71
N GLU B 121 -7.22 -10.17 8.86
CA GLU B 121 -8.25 -11.20 8.91
C GLU B 121 -9.52 -10.72 8.20
N ILE B 122 -9.87 -9.44 8.39
CA ILE B 122 -11.05 -8.86 7.74
C ILE B 122 -10.80 -8.72 6.23
N LEU B 123 -9.61 -8.28 5.86
CA LEU B 123 -9.23 -8.11 4.45
C LEU B 123 -9.04 -9.43 3.70
N LYS B 124 -8.83 -10.51 4.44
CA LYS B 124 -8.71 -11.86 3.87
C LYS B 124 -9.96 -12.24 3.06
N GLY B 125 -11.13 -11.88 3.57
CA GLY B 125 -12.40 -12.04 2.85
C GLY B 125 -12.37 -11.41 1.48
N TYR B 126 -11.77 -10.23 1.36
CA TYR B 126 -11.57 -9.54 0.08
C TYR B 126 -10.61 -10.35 -0.82
N LEU B 127 -9.48 -10.77 -0.25
CA LEU B 127 -8.50 -11.57 -1.02
C LEU B 127 -9.11 -12.90 -1.46
N ASN B 128 -9.91 -13.49 -0.58
CA ASN B 128 -10.65 -14.72 -0.87
C ASN B 128 -11.53 -14.59 -2.11
N ILE B 129 -12.20 -13.44 -2.25
CA ILE B 129 -13.05 -13.17 -3.42
C ILE B 129 -12.19 -13.15 -4.67
N LEU B 130 -11.05 -12.46 -4.59
CA LEU B 130 -10.15 -12.35 -5.73
C LEU B 130 -9.66 -13.72 -6.18
N ASP B 131 -9.18 -14.52 -5.22
CA ASP B 131 -8.71 -15.88 -5.49
C ASP B 131 -9.80 -16.68 -6.19
N GLY B 132 -11.03 -16.54 -5.71
CA GLY B 132 -12.19 -17.25 -6.24
C GLY B 132 -12.54 -16.84 -7.65
N ILE B 133 -12.39 -15.56 -7.96
CA ILE B 133 -12.64 -15.08 -9.33
C ILE B 133 -11.56 -15.61 -10.28
N LEU B 134 -10.32 -15.61 -9.81
CA LEU B 134 -9.20 -16.08 -10.61
C LEU B 134 -9.30 -17.58 -10.89
N THR B 135 -9.60 -18.37 -9.87
CA THR B 135 -9.75 -19.82 -9.99
C THR B 135 -10.86 -20.21 -10.97
N GLU B 136 -12.03 -19.60 -10.83
CA GLU B 136 -13.15 -19.87 -11.72
C GLU B 136 -12.83 -19.45 -13.15
N GLY B 137 -12.09 -18.35 -13.29
CA GLY B 137 -11.66 -17.85 -14.60
C GLY B 137 -10.74 -18.80 -15.35
N ILE B 138 -9.82 -19.44 -14.63
CA ILE B 138 -8.90 -20.41 -15.21
C ILE B 138 -9.67 -21.66 -15.67
N GLN B 139 -10.53 -22.16 -14.79
CA GLN B 139 -11.32 -23.36 -15.09
C GLN B 139 -12.19 -23.21 -16.34
N SER B 140 -12.68 -22.00 -16.60
CA SER B 140 -13.50 -21.74 -17.78
C SER B 140 -12.67 -21.39 -19.02
N GLY B 141 -11.41 -21.01 -18.81
CA GLY B 141 -10.52 -20.69 -19.93
C GLY B 141 -10.40 -19.22 -20.24
N GLU B 142 -10.99 -18.38 -19.40
CA GLU B 142 -10.91 -16.94 -19.58
C GLU B 142 -9.55 -16.43 -19.11
N ILE B 143 -9.05 -17.01 -18.03
CA ILE B 143 -7.80 -16.59 -17.42
C ILE B 143 -6.67 -17.55 -17.80
N LYS B 144 -5.49 -16.97 -18.00
CA LYS B 144 -4.24 -17.69 -18.26
C LYS B 144 -4.12 -18.98 -17.46
N GLU B 145 -4.03 -20.10 -18.16
CA GLU B 145 -3.78 -21.39 -17.52
C GLU B 145 -2.34 -21.38 -17.02
N GLY B 146 -2.14 -21.78 -15.77
CA GLY B 146 -0.81 -21.76 -15.18
C GLY B 146 -0.54 -20.54 -14.33
N LEU B 147 -1.50 -19.61 -14.33
CA LEU B 147 -1.47 -18.41 -13.49
C LEU B 147 -1.24 -18.75 -12.01
N ASP B 148 -0.28 -18.06 -11.40
CA ASP B 148 -0.11 -18.16 -9.94
C ASP B 148 -1.19 -17.32 -9.32
N VAL B 149 -2.20 -17.97 -8.75
CA VAL B 149 -3.38 -17.27 -8.23
C VAL B 149 -2.99 -16.28 -7.12
N ARG B 150 -2.14 -16.72 -6.20
CA ARG B 150 -1.71 -15.85 -5.10
C ARG B 150 -1.02 -14.58 -5.62
N LEU B 151 -0.16 -14.74 -6.62
CA LEU B 151 0.52 -13.60 -7.22
C LEU B 151 -0.40 -12.64 -7.95
N ALA B 152 -1.37 -13.21 -8.67
CA ALA B 152 -2.30 -12.40 -9.44
C ALA B 152 -3.22 -11.60 -8.54
N ARG B 153 -3.62 -12.21 -7.43
CA ARG B 153 -4.44 -11.56 -6.41
C ARG B 153 -3.67 -10.41 -5.79
N GLN B 154 -2.39 -10.64 -5.50
CA GLN B 154 -1.50 -9.59 -5.01
C GLN B 154 -1.45 -8.41 -6.01
N MET B 155 -1.36 -8.71 -7.30
CA MET B 155 -1.32 -7.67 -8.32
C MET B 155 -2.63 -6.88 -8.38
N ILE B 156 -3.75 -7.62 -8.44
CA ILE B 156 -5.07 -7.02 -8.49
C ILE B 156 -5.33 -6.13 -7.27
N PHE B 157 -5.19 -6.70 -6.07
CA PHE B 157 -5.38 -5.94 -4.85
C PHE B 157 -4.39 -4.78 -4.76
N GLY B 158 -3.12 -5.05 -5.05
CA GLY B 158 -2.08 -4.02 -4.97
C GLY B 158 -2.36 -2.84 -5.88
N THR B 159 -2.84 -3.14 -7.08
CA THR B 159 -3.19 -2.14 -8.09
C THR B 159 -4.39 -1.30 -7.64
N ILE B 160 -5.45 -1.97 -7.20
CA ILE B 160 -6.62 -1.26 -6.69
C ILE B 160 -6.22 -0.34 -5.54
N ASP B 161 -5.50 -0.90 -4.57
CA ASP B 161 -5.11 -0.18 -3.37
C ASP B 161 -4.24 1.04 -3.64
N GLU B 162 -3.30 0.91 -4.58
CA GLU B 162 -2.37 1.99 -4.91
C GLU B 162 -3.08 3.09 -5.72
N THR B 163 -4.08 2.68 -6.51
CA THR B 163 -4.87 3.66 -7.27
C THR B 163 -5.64 4.52 -6.29
N VAL B 164 -6.26 3.90 -5.29
CA VAL B 164 -6.97 4.66 -4.28
C VAL B 164 -6.00 5.51 -3.45
N THR B 165 -4.87 4.93 -3.08
CA THR B 165 -3.88 5.65 -2.28
C THR B 165 -3.33 6.88 -3.01
N THR B 166 -3.05 6.77 -4.30
CA THR B 166 -2.54 7.93 -5.06
C THR B 166 -3.58 9.05 -5.07
N TRP B 167 -4.84 8.67 -5.22
CA TRP B 167 -5.97 9.59 -5.24
C TRP B 167 -6.09 10.31 -3.89
N VAL B 168 -5.97 9.55 -2.80
CA VAL B 168 -5.99 10.11 -1.44
C VAL B 168 -4.83 11.08 -1.19
N MET B 169 -3.64 10.75 -1.73
CA MET B 169 -2.47 11.61 -1.65
C MET B 169 -2.64 12.90 -2.45
N ASN B 170 -3.49 12.84 -3.47
CA ASN B 170 -3.86 14.01 -4.26
C ASN B 170 -5.15 14.65 -3.75
N ASP B 171 -5.41 14.48 -2.46
CA ASP B 171 -6.57 15.05 -1.77
C ASP B 171 -7.90 14.74 -2.47
N GLN B 172 -7.95 13.59 -3.14
CA GLN B 172 -9.16 13.07 -3.78
C GLN B 172 -9.76 14.03 -4.82
N LYS B 173 -8.89 14.86 -5.41
CA LYS B 173 -9.32 15.96 -6.28
C LYS B 173 -9.73 15.57 -7.71
N TYR B 174 -9.55 14.30 -8.07
CA TYR B 174 -10.06 13.81 -9.36
C TYR B 174 -11.04 12.65 -9.18
N ASP B 175 -11.76 12.34 -10.26
CA ASP B 175 -12.84 11.34 -10.27
C ASP B 175 -12.31 9.91 -10.24
N LEU B 176 -12.30 9.32 -9.04
CA LEU B 176 -11.82 7.95 -8.85
C LEU B 176 -12.64 6.92 -9.63
N VAL B 177 -13.97 7.02 -9.52
CA VAL B 177 -14.90 6.06 -10.12
C VAL B 177 -14.74 5.93 -11.64
N ALA B 178 -14.50 7.06 -12.30
CA ALA B 178 -14.31 7.10 -13.75
C ALA B 178 -13.06 6.32 -14.20
N LEU B 179 -12.18 5.99 -13.27
CA LEU B 179 -10.96 5.23 -13.58
C LEU B 179 -11.12 3.70 -13.55
N SER B 180 -12.27 3.20 -13.05
CA SER B 180 -12.38 1.75 -12.78
C SER B 180 -12.22 0.84 -14.00
N ASN B 181 -12.75 1.26 -15.14
CA ASN B 181 -12.66 0.46 -16.37
C ASN B 181 -11.26 0.42 -16.94
N SER B 182 -10.58 1.58 -16.91
CA SER B 182 -9.17 1.66 -17.27
C SER B 182 -8.34 0.75 -16.38
N VAL B 183 -8.59 0.78 -15.07
CA VAL B 183 -7.89 -0.10 -14.14
C VAL B 183 -8.11 -1.57 -14.50
N LEU B 184 -9.38 -1.93 -14.75
CA LEU B 184 -9.74 -3.28 -15.19
C LEU B 184 -8.91 -3.73 -16.39
N GLU B 185 -8.86 -2.88 -17.43
CA GLU B 185 -8.19 -3.23 -18.69
C GLU B 185 -6.69 -3.44 -18.50
N LEU B 186 -6.09 -2.61 -17.66
CA LEU B 186 -4.67 -2.74 -17.34
C LEU B 186 -4.39 -4.09 -16.67
N LEU B 187 -5.29 -4.50 -15.77
CA LEU B 187 -5.12 -5.75 -15.03
C LEU B 187 -5.34 -6.96 -15.94
N VAL B 188 -6.27 -6.81 -16.89
CA VAL B 188 -6.65 -7.89 -17.79
C VAL B 188 -5.63 -8.11 -18.91
N SER B 189 -5.14 -7.02 -19.52
CA SER B 189 -4.29 -7.10 -20.70
C SER B 189 -2.82 -6.79 -20.45
N GLY B 190 -2.53 -6.10 -19.36
CA GLY B 190 -1.16 -5.70 -19.05
C GLY B 190 -0.72 -4.50 -19.87
N ILE B 191 0.58 -4.26 -19.93
CA ILE B 191 1.11 -3.06 -20.57
C ILE B 191 1.62 -3.24 -22.01
N HIS B 192 1.82 -4.50 -22.43
CA HIS B 192 2.34 -4.75 -23.78
C HIS B 192 1.26 -4.71 -24.87
#